data_8TNC
#
_entry.id   8TNC
#
_cell.length_a   91.007
_cell.length_b   91.007
_cell.length_c   203.654
_cell.angle_alpha   90.000
_cell.angle_beta   90.000
_cell.angle_gamma   120.000
#
_symmetry.space_group_name_H-M   'P 61 2 2'
#
loop_
_entity.id
_entity.type
_entity.pdbx_description
1 polymer 'De novo designed protein'
2 non-polymer 2-{4-[(3S)-piperidin-3-yl]phenyl}-2H-indazole-7-carboxamide
3 water water
#
_entity_poly.entity_id   1
_entity_poly.type   'polypeptide(L)'
_entity_poly.pdbx_seq_one_letter_code
;SDAQEILSRLNSVLEAAWKTILNLASATDAAEKAYKEGREEDLATYLDQAASYQSQVDQYAVETVRLLAELKKVFPDEEA
DRALQIAEKLLKTVQEASKTLDTAVAAAANGDEETFAKAFNQFVSLGNQADTLFTQLQRTLTNLNKK
;
_entity_poly.pdbx_strand_id   A,B,C
#
loop_
_chem_comp.id
_chem_comp.type
_chem_comp.name
_chem_comp.formula
3JD non-polymer 2-{4-[(3S)-piperidin-3-yl]phenyl}-2H-indazole-7-carboxamide 'C19 H20 N4 O'
#
# COMPACT_ATOMS: atom_id res chain seq x y z
N SER A 1 28.69 -0.32 13.19
CA SER A 1 30.18 -0.09 13.22
C SER A 1 30.96 -1.40 13.04
N ASP A 2 31.08 -2.18 14.11
CA ASP A 2 31.77 -3.46 14.02
C ASP A 2 30.95 -4.47 13.21
N ALA A 3 31.63 -5.51 12.73
CA ALA A 3 30.97 -6.54 11.95
C ALA A 3 29.79 -7.15 12.70
N GLN A 4 29.85 -7.19 14.03
CA GLN A 4 28.77 -7.79 14.82
C GLN A 4 27.55 -6.87 14.87
N GLU A 5 27.76 -5.58 15.13
CA GLU A 5 26.65 -4.64 15.09
C GLU A 5 25.98 -4.66 13.72
N ILE A 6 26.77 -4.74 12.65
CA ILE A 6 26.20 -4.76 11.30
C ILE A 6 25.38 -6.02 11.10
N LEU A 7 25.95 -7.19 11.44
CA LEU A 7 25.24 -8.45 11.22
C LEU A 7 23.95 -8.53 12.02
N SER A 8 23.91 -7.88 13.20
CA SER A 8 22.70 -7.87 14.00
C SER A 8 21.66 -6.92 13.42
N ARG A 9 22.09 -5.75 12.93
CA ARG A 9 21.16 -4.89 12.20
C ARG A 9 20.59 -5.62 10.99
N LEU A 10 21.44 -6.34 10.25
CA LEU A 10 20.98 -7.09 9.07
C LEU A 10 19.93 -8.12 9.45
N ASN A 11 20.11 -8.80 10.58
CA ASN A 11 19.08 -9.75 11.02
C ASN A 11 17.75 -9.06 11.29
N SER A 12 17.79 -7.89 11.92
CA SER A 12 16.57 -7.15 12.19
C SER A 12 15.91 -6.72 10.88
N VAL A 13 16.71 -6.30 9.91
CA VAL A 13 16.15 -5.85 8.63
C VAL A 13 15.47 -7.01 7.93
N LEU A 14 16.15 -8.15 7.86
CA LEU A 14 15.59 -9.29 7.14
C LEU A 14 14.35 -9.83 7.85
N GLU A 15 14.31 -9.79 9.18
CA GLU A 15 13.11 -10.20 9.92
C GLU A 15 11.93 -9.30 9.55
N ALA A 16 12.16 -7.98 9.55
CA ALA A 16 11.13 -7.04 9.16
C ALA A 16 10.70 -7.28 7.71
N ALA A 17 11.67 -7.54 6.83
CA ALA A 17 11.34 -7.71 5.42
C ALA A 17 10.46 -8.93 5.25
N TRP A 18 10.74 -10.00 6.00
CA TRP A 18 9.97 -11.24 5.84
C TRP A 18 8.50 -11.01 6.19
N LYS A 19 8.24 -10.26 7.27
CA LYS A 19 6.87 -9.91 7.63
C LYS A 19 6.20 -9.13 6.49
N THR A 20 6.92 -8.18 5.90
CA THR A 20 6.37 -7.39 4.79
C THR A 20 6.11 -8.29 3.57
N ILE A 21 7.00 -9.24 3.30
CA ILE A 21 6.81 -10.17 2.19
C ILE A 21 5.55 -11.01 2.40
N LEU A 22 5.31 -11.47 3.62
CA LEU A 22 4.09 -12.21 3.91
C LEU A 22 2.86 -11.34 3.62
N ASN A 23 2.91 -10.07 3.99
CA ASN A 23 1.79 -9.17 3.74
C ASN A 23 1.61 -8.92 2.24
N LEU A 24 2.73 -8.79 1.51
CA LEU A 24 2.67 -8.61 0.05
C LEU A 24 2.03 -9.83 -0.60
N ALA A 25 2.45 -11.03 -0.18
CA ALA A 25 1.87 -12.26 -0.73
C ALA A 25 0.38 -12.32 -0.46
N SER A 26 -0.06 -11.93 0.75
CA SER A 26 -1.48 -11.96 1.07
C SER A 26 -2.26 -10.95 0.23
N ALA A 27 -1.72 -9.73 0.06
CA ALA A 27 -2.40 -8.69 -0.73
C ALA A 27 -2.52 -9.10 -2.17
N THR A 28 -1.48 -9.75 -2.70
CA THR A 28 -1.56 -10.18 -4.09
C THR A 28 -2.49 -11.37 -4.28
N ASP A 29 -2.59 -12.27 -3.29
CA ASP A 29 -3.61 -13.31 -3.33
C ASP A 29 -5.00 -12.69 -3.38
N ALA A 30 -5.24 -11.64 -2.59
CA ALA A 30 -6.53 -11.00 -2.55
C ALA A 30 -6.82 -10.27 -3.84
N ALA A 31 -5.78 -9.66 -4.45
CA ALA A 31 -5.97 -9.02 -5.75
C ALA A 31 -6.33 -10.06 -6.79
N GLU A 32 -5.67 -11.21 -6.79
CA GLU A 32 -6.03 -12.26 -7.75
C GLU A 32 -7.49 -12.67 -7.60
N LYS A 33 -7.96 -12.80 -6.37
CA LYS A 33 -9.34 -13.22 -6.14
C LYS A 33 -10.32 -12.15 -6.63
N ALA A 34 -10.03 -10.88 -6.35
CA ALA A 34 -10.91 -9.80 -6.81
C ALA A 34 -10.94 -9.71 -8.33
N TYR A 35 -9.79 -9.96 -8.96
CA TYR A 35 -9.68 -9.97 -10.42
C TYR A 35 -10.53 -11.09 -11.00
N LYS A 36 -10.43 -12.29 -10.42
CA LYS A 36 -11.23 -13.42 -10.88
C LYS A 36 -12.71 -13.16 -10.71
N GLU A 37 -13.10 -12.45 -9.65
CA GLU A 37 -14.48 -12.21 -9.33
C GLU A 37 -15.05 -11.00 -10.06
N GLY A 38 -14.22 -10.22 -10.74
CA GLY A 38 -14.69 -9.04 -11.45
C GLY A 38 -15.10 -7.87 -10.55
N ARG A 39 -14.48 -7.78 -9.37
CA ARG A 39 -14.83 -6.76 -8.37
C ARG A 39 -13.78 -5.66 -8.47
N GLU A 40 -14.06 -4.65 -9.31
CA GLU A 40 -13.00 -3.73 -9.72
C GLU A 40 -12.55 -2.84 -8.57
N GLU A 41 -13.45 -2.38 -7.71
CA GLU A 41 -13.04 -1.49 -6.63
C GLU A 41 -12.27 -2.25 -5.57
N ASP A 42 -12.64 -3.50 -5.33
CA ASP A 42 -11.88 -4.34 -4.42
C ASP A 42 -10.48 -4.55 -4.97
N LEU A 43 -10.39 -4.87 -6.25
CA LEU A 43 -9.08 -5.07 -6.87
C LEU A 43 -8.20 -3.82 -6.71
N ALA A 44 -8.77 -2.63 -6.97
CA ALA A 44 -8.00 -1.40 -6.79
C ALA A 44 -7.43 -1.28 -5.38
N THR A 45 -8.25 -1.57 -4.36
CA THR A 45 -7.81 -1.49 -2.97
C THR A 45 -6.65 -2.43 -2.73
N TYR A 46 -6.77 -3.68 -3.17
CA TYR A 46 -5.74 -4.67 -2.91
C TYR A 46 -4.47 -4.38 -3.70
N LEU A 47 -4.59 -3.87 -4.94
CA LEU A 47 -3.40 -3.46 -5.68
C LEU A 47 -2.67 -2.32 -4.98
N ASP A 48 -3.42 -1.37 -4.42
CA ASP A 48 -2.77 -0.29 -3.69
C ASP A 48 -2.05 -0.81 -2.46
N GLN A 49 -2.66 -1.76 -1.74
CA GLN A 49 -2.00 -2.36 -0.58
C GLN A 49 -0.73 -3.09 -1.01
N ALA A 50 -0.83 -3.87 -2.09
CA ALA A 50 0.34 -4.57 -2.62
C ALA A 50 1.45 -3.59 -2.98
N ALA A 51 1.12 -2.50 -3.67
CA ALA A 51 2.15 -1.53 -4.02
C ALA A 51 2.81 -0.92 -2.78
N SER A 52 2.05 -0.72 -1.71
CA SER A 52 2.64 -0.13 -0.52
C SER A 52 3.62 -1.12 0.13
N TYR A 53 3.23 -2.41 0.22
CA TYR A 53 4.15 -3.40 0.76
C TYR A 53 5.37 -3.58 -0.14
N GLN A 54 5.18 -3.56 -1.46
CA GLN A 54 6.31 -3.67 -2.36
C GLN A 54 7.29 -2.52 -2.16
N SER A 55 6.77 -1.30 -1.98
CA SER A 55 7.64 -0.15 -1.71
C SER A 55 8.47 -0.37 -0.46
N GLN A 56 7.88 -0.98 0.58
CA GLN A 56 8.60 -1.23 1.82
C GLN A 56 9.65 -2.32 1.62
N VAL A 57 9.34 -3.37 0.85
CA VAL A 57 10.36 -4.38 0.54
C VAL A 57 11.53 -3.75 -0.21
N ASP A 58 11.25 -2.88 -1.17
CA ASP A 58 12.28 -2.15 -1.88
C ASP A 58 13.20 -1.42 -0.89
N GLN A 59 12.61 -0.73 0.10
CA GLN A 59 13.43 0.02 1.04
C GLN A 59 14.30 -0.93 1.86
N TYR A 60 13.74 -2.05 2.32
CA TYR A 60 14.54 -3.00 3.09
C TYR A 60 15.65 -3.62 2.25
N ALA A 61 15.39 -3.87 0.98
CA ALA A 61 16.40 -4.45 0.10
C ALA A 61 17.56 -3.50 -0.13
N VAL A 62 17.26 -2.20 -0.24
CA VAL A 62 18.30 -1.18 -0.32
C VAL A 62 19.12 -1.16 0.96
N GLU A 63 18.45 -1.16 2.11
CA GLU A 63 19.14 -1.13 3.39
C GLU A 63 20.03 -2.35 3.55
N THR A 64 19.59 -3.49 3.06
CA THR A 64 20.37 -4.73 3.15
C THR A 64 21.67 -4.61 2.34
N VAL A 65 21.59 -4.10 1.11
CA VAL A 65 22.78 -3.87 0.30
C VAL A 65 23.71 -2.89 1.00
N ARG A 66 23.18 -1.79 1.54
CA ARG A 66 24.04 -0.81 2.21
C ARG A 66 24.76 -1.43 3.41
N LEU A 67 24.06 -2.23 4.22
CA LEU A 67 24.67 -2.86 5.37
C LEU A 67 25.75 -3.87 4.94
N LEU A 68 25.50 -4.63 3.89
CA LEU A 68 26.50 -5.61 3.45
C LEU A 68 27.70 -4.92 2.77
N ALA A 69 27.47 -3.80 2.10
CA ALA A 69 28.60 -3.01 1.62
C ALA A 69 29.43 -2.48 2.78
N GLU A 70 28.79 -2.11 3.89
CA GLU A 70 29.54 -1.64 5.06
C GLU A 70 30.27 -2.79 5.74
N LEU A 71 29.64 -3.97 5.81
CA LEU A 71 30.31 -5.14 6.34
C LEU A 71 31.58 -5.44 5.56
N LYS A 72 31.49 -5.40 4.24
CA LYS A 72 32.63 -5.69 3.38
C LYS A 72 33.78 -4.71 3.63
N LYS A 73 33.46 -3.45 3.89
CA LYS A 73 34.50 -2.45 4.20
C LYS A 73 35.22 -2.79 5.49
N VAL A 74 34.52 -3.43 6.43
CA VAL A 74 35.04 -3.67 7.77
C VAL A 74 35.84 -4.97 7.84
N PHE A 75 35.32 -6.08 7.31
CA PHE A 75 36.12 -7.28 7.11
C PHE A 75 36.05 -7.71 5.66
N PRO A 76 37.02 -7.32 4.82
CA PRO A 76 37.01 -7.69 3.40
C PRO A 76 37.54 -9.11 3.17
N ASP A 77 36.62 -10.02 2.89
CA ASP A 77 36.99 -11.36 2.41
C ASP A 77 36.07 -11.73 1.26
N GLU A 78 35.86 -13.03 1.04
CA GLU A 78 34.98 -13.48 -0.04
C GLU A 78 33.62 -13.93 0.46
N GLU A 79 33.47 -14.22 1.76
CA GLU A 79 32.17 -14.55 2.30
C GLU A 79 31.29 -13.30 2.43
N ALA A 80 31.89 -12.17 2.79
CA ALA A 80 31.16 -10.90 2.73
C ALA A 80 30.85 -10.54 1.28
N ASP A 81 31.81 -10.73 0.38
CA ASP A 81 31.56 -10.41 -1.02
C ASP A 81 30.45 -11.25 -1.61
N ARG A 82 30.39 -12.53 -1.26
CA ARG A 82 29.34 -13.40 -1.79
C ARG A 82 27.97 -12.97 -1.28
N ALA A 83 27.86 -12.67 0.01
CA ALA A 83 26.61 -12.17 0.55
C ALA A 83 26.18 -10.88 -0.14
N LEU A 84 27.13 -9.96 -0.36
CA LEU A 84 26.79 -8.71 -1.04
C LEU A 84 26.31 -8.97 -2.46
N GLN A 85 26.95 -9.89 -3.18
CA GLN A 85 26.54 -10.18 -4.54
C GLN A 85 25.12 -10.75 -4.59
N ILE A 86 24.78 -11.64 -3.64
CA ILE A 86 23.41 -12.14 -3.55
C ILE A 86 22.44 -11.00 -3.26
N ALA A 87 22.80 -10.13 -2.32
CA ALA A 87 21.89 -9.05 -1.93
C ALA A 87 21.69 -8.07 -3.08
N GLU A 88 22.73 -7.82 -3.88
CA GLU A 88 22.61 -6.96 -5.05
C GLU A 88 21.69 -7.60 -6.11
N LYS A 89 21.79 -8.91 -6.31
CA LYS A 89 20.86 -9.58 -7.22
C LYS A 89 19.44 -9.57 -6.68
N LEU A 90 19.29 -9.74 -5.36
CA LEU A 90 17.97 -9.62 -4.75
C LEU A 90 17.40 -8.23 -4.99
N LEU A 91 18.19 -7.19 -4.74
CA LEU A 91 17.68 -5.83 -4.94
C LEU A 91 17.27 -5.60 -6.39
N LYS A 92 18.08 -6.08 -7.35
CA LYS A 92 17.71 -5.91 -8.75
C LYS A 92 16.37 -6.56 -9.07
N THR A 93 16.17 -7.76 -8.53
CA THR A 93 14.94 -8.52 -8.78
C THR A 93 13.73 -7.84 -8.11
N VAL A 94 13.93 -7.36 -6.87
CA VAL A 94 12.90 -6.60 -6.16
C VAL A 94 12.48 -5.37 -6.95
N GLN A 95 13.46 -4.63 -7.49
CA GLN A 95 13.12 -3.43 -8.26
C GLN A 95 12.43 -3.77 -9.57
N GLU A 96 12.78 -4.92 -10.19
CA GLU A 96 12.05 -5.38 -11.37
C GLU A 96 10.62 -5.74 -11.01
N ALA A 97 10.43 -6.44 -9.89
CA ALA A 97 9.08 -6.75 -9.41
C ALA A 97 8.31 -5.46 -9.15
N SER A 98 8.96 -4.46 -8.57
CA SER A 98 8.27 -3.20 -8.24
C SER A 98 7.79 -2.46 -9.49
N LYS A 99 8.65 -2.36 -10.52
CA LYS A 99 8.28 -1.68 -11.76
C LYS A 99 7.14 -2.40 -12.46
N THR A 100 7.17 -3.72 -12.40
CA THR A 100 6.17 -4.55 -13.10
C THR A 100 4.83 -4.47 -12.37
N LEU A 101 4.85 -4.49 -11.04
CA LEU A 101 3.61 -4.26 -10.28
C LEU A 101 3.07 -2.88 -10.58
N ASP A 102 3.92 -1.87 -10.70
CA ASP A 102 3.45 -0.53 -11.00
C ASP A 102 2.74 -0.49 -12.36
N THR A 103 3.31 -1.18 -13.35
CA THR A 103 2.66 -1.26 -14.65
C THR A 103 1.29 -1.91 -14.55
N ALA A 104 1.16 -2.96 -13.74
CA ALA A 104 -0.13 -3.61 -13.54
C ALA A 104 -1.12 -2.65 -12.88
N VAL A 105 -0.71 -1.93 -11.84
CA VAL A 105 -1.61 -0.97 -11.19
C VAL A 105 -2.09 0.10 -12.18
N ALA A 106 -1.17 0.62 -13.00
CA ALA A 106 -1.57 1.62 -13.99
C ALA A 106 -2.51 1.04 -15.02
N ALA A 107 -2.22 -0.18 -15.50
CA ALA A 107 -3.09 -0.80 -16.49
C ALA A 107 -4.49 -1.01 -15.94
N ALA A 108 -4.59 -1.44 -14.69
CA ALA A 108 -5.90 -1.60 -14.08
C ALA A 108 -6.64 -0.26 -13.99
N ALA A 109 -5.93 0.82 -13.63
CA ALA A 109 -6.57 2.12 -13.51
C ALA A 109 -7.06 2.61 -14.87
N ASN A 110 -6.37 2.22 -15.94
CA ASN A 110 -6.67 2.60 -17.31
C ASN A 110 -7.71 1.68 -17.95
N GLY A 111 -8.10 0.59 -17.28
CA GLY A 111 -8.97 -0.41 -17.86
C GLY A 111 -8.38 -1.21 -19.01
N ASP A 112 -7.07 -1.38 -19.06
CA ASP A 112 -6.37 -2.16 -20.08
C ASP A 112 -6.06 -3.55 -19.53
N GLU A 113 -7.01 -4.48 -19.70
CA GLU A 113 -6.86 -5.77 -19.04
C GLU A 113 -5.71 -6.58 -19.65
N GLU A 114 -5.46 -6.43 -20.95
CA GLU A 114 -4.37 -7.16 -21.57
C GLU A 114 -3.03 -6.82 -20.93
N THR A 115 -2.74 -5.54 -20.78
CA THR A 115 -1.49 -5.16 -20.14
C THR A 115 -1.49 -5.56 -18.67
N PHE A 116 -2.62 -5.40 -17.98
CA PHE A 116 -2.69 -5.77 -16.58
C PHE A 116 -2.31 -7.23 -16.38
N ALA A 117 -2.90 -8.13 -17.16
CA ALA A 117 -2.68 -9.55 -16.94
C ALA A 117 -1.24 -9.94 -17.24
N LYS A 118 -0.66 -9.34 -18.29
CA LYS A 118 0.72 -9.66 -18.63
C LYS A 118 1.65 -9.20 -17.50
N ALA A 119 1.45 -7.96 -17.02
CA ALA A 119 2.34 -7.42 -15.99
C ALA A 119 2.12 -8.14 -14.67
N PHE A 120 0.87 -8.45 -14.33
CA PHE A 120 0.65 -9.15 -13.08
C PHE A 120 1.32 -10.53 -13.08
N ASN A 121 1.24 -11.24 -14.21
CA ASN A 121 1.87 -12.55 -14.29
C ASN A 121 3.39 -12.44 -14.25
N GLN A 122 3.96 -11.39 -14.86
CA GLN A 122 5.40 -11.21 -14.76
C GLN A 122 5.79 -10.90 -13.31
N PHE A 123 4.97 -10.11 -12.62
CA PHE A 123 5.24 -9.78 -11.22
C PHE A 123 5.32 -11.04 -10.38
N VAL A 124 4.37 -11.97 -10.58
CA VAL A 124 4.38 -13.20 -9.79
C VAL A 124 5.68 -13.98 -9.99
N SER A 125 6.12 -14.10 -11.25
CA SER A 125 7.35 -14.81 -11.55
C SER A 125 8.55 -14.13 -10.88
N LEU A 126 8.58 -12.81 -10.92
CA LEU A 126 9.67 -12.08 -10.29
C LEU A 126 9.62 -12.22 -8.78
N GLY A 127 8.43 -12.18 -8.20
CA GLY A 127 8.30 -12.41 -6.77
C GLY A 127 8.86 -13.77 -6.34
N ASN A 128 8.54 -14.82 -7.10
CA ASN A 128 9.08 -16.14 -6.76
C ASN A 128 10.59 -16.18 -6.92
N GLN A 129 11.14 -15.47 -7.92
CA GLN A 129 12.58 -15.40 -8.07
C GLN A 129 13.20 -14.67 -6.88
N ALA A 130 12.58 -13.58 -6.46
CA ALA A 130 13.10 -12.84 -5.32
C ALA A 130 13.07 -13.69 -4.05
N ASP A 131 12.03 -14.51 -3.89
CA ASP A 131 11.97 -15.39 -2.73
C ASP A 131 13.16 -16.36 -2.69
N THR A 132 13.54 -16.90 -3.85
CA THR A 132 14.72 -17.77 -3.93
C THR A 132 15.97 -17.05 -3.45
N LEU A 133 16.17 -15.82 -3.91
CA LEU A 133 17.35 -15.05 -3.52
C LEU A 133 17.31 -14.65 -2.04
N PHE A 134 16.12 -14.29 -1.54
CA PHE A 134 15.99 -13.95 -0.12
C PHE A 134 16.40 -15.12 0.77
N THR A 135 15.93 -16.31 0.43
CA THR A 135 16.28 -17.50 1.21
C THR A 135 17.76 -17.82 1.08
N GLN A 136 18.33 -17.67 -0.11
CA GLN A 136 19.77 -17.84 -0.28
C GLN A 136 20.57 -16.84 0.56
N LEU A 137 20.13 -15.58 0.60
CA LEU A 137 20.84 -14.59 1.41
C LEU A 137 20.79 -14.96 2.88
N GLN A 138 19.64 -15.40 3.36
CA GLN A 138 19.50 -15.80 4.75
C GLN A 138 20.45 -16.94 5.09
N ARG A 139 20.55 -17.94 4.21
CA ARG A 139 21.49 -19.04 4.47
C ARG A 139 22.91 -18.52 4.57
N THR A 140 23.30 -17.65 3.63
CA THR A 140 24.65 -17.11 3.61
C THR A 140 24.96 -16.33 4.89
N LEU A 141 23.98 -15.60 5.40
CA LEU A 141 24.21 -14.81 6.60
C LEU A 141 24.33 -15.68 7.84
N THR A 142 23.68 -16.84 7.87
CA THR A 142 23.87 -17.74 9.00
C THR A 142 25.31 -18.20 9.07
N ASN A 143 25.94 -18.44 7.91
CA ASN A 143 27.34 -18.84 7.89
C ASN A 143 28.28 -17.72 8.29
N LEU A 144 27.81 -16.47 8.26
CA LEU A 144 28.60 -15.33 8.73
C LEU A 144 28.45 -15.10 10.22
N ASN A 145 27.26 -15.31 10.77
CA ASN A 145 27.02 -15.13 12.21
C ASN A 145 27.76 -16.24 12.95
N LYS A 146 29.08 -16.09 13.04
CA LYS A 146 29.98 -17.14 13.55
C LYS A 146 30.23 -16.92 15.04
N LYS A 147 29.25 -17.35 15.85
CA LYS A 147 29.37 -17.25 17.30
C LYS A 147 30.49 -18.18 17.80
N SER B 1 -26.09 13.49 -9.45
CA SER B 1 -25.30 12.43 -10.14
C SER B 1 -24.11 11.97 -9.27
N ASP B 2 -22.95 12.61 -9.44
CA ASP B 2 -21.74 12.19 -8.74
C ASP B 2 -20.53 13.03 -9.11
N ALA B 3 -20.62 13.77 -10.22
CA ALA B 3 -19.46 14.49 -10.73
C ALA B 3 -18.90 15.45 -9.68
N GLN B 4 -19.77 16.12 -8.93
CA GLN B 4 -19.29 17.14 -8.01
C GLN B 4 -18.49 16.53 -6.86
N GLU B 5 -18.92 15.37 -6.36
CA GLU B 5 -18.19 14.67 -5.31
C GLU B 5 -16.84 14.17 -5.83
N ILE B 6 -16.81 13.66 -7.06
CA ILE B 6 -15.55 13.19 -7.64
C ILE B 6 -14.59 14.37 -7.81
N LEU B 7 -15.10 15.49 -8.35
CA LEU B 7 -14.26 16.67 -8.54
C LEU B 7 -13.72 17.19 -7.22
N SER B 8 -14.49 17.08 -6.15
CA SER B 8 -14.02 17.53 -4.85
C SER B 8 -12.91 16.62 -4.33
N ARG B 9 -13.09 15.31 -4.48
CA ARG B 9 -12.03 14.39 -4.08
C ARG B 9 -10.78 14.62 -4.92
N LEU B 10 -10.93 14.89 -6.22
CA LEU B 10 -9.78 15.18 -7.07
C LEU B 10 -9.04 16.43 -6.59
N ASN B 11 -9.78 17.45 -6.16
CA ASN B 11 -9.13 18.64 -5.66
C ASN B 11 -8.27 18.31 -4.45
N SER B 12 -8.78 17.45 -3.56
CA SER B 12 -8.02 17.11 -2.37
C SER B 12 -6.80 16.28 -2.69
N VAL B 13 -6.94 15.32 -3.62
CA VAL B 13 -5.79 14.49 -4.03
C VAL B 13 -4.71 15.36 -4.65
N LEU B 14 -5.10 16.27 -5.55
CA LEU B 14 -4.09 17.10 -6.22
C LEU B 14 -3.41 18.06 -5.25
N GLU B 15 -4.13 18.58 -4.24
CA GLU B 15 -3.49 19.46 -3.27
C GLU B 15 -2.48 18.66 -2.44
N ALA B 16 -2.85 17.44 -2.05
CA ALA B 16 -1.90 16.61 -1.32
C ALA B 16 -0.71 16.22 -2.19
N ALA B 17 -0.96 15.91 -3.47
CA ALA B 17 0.10 15.57 -4.39
C ALA B 17 1.06 16.73 -4.58
N TRP B 18 0.55 17.95 -4.66
CA TRP B 18 1.43 19.09 -4.84
C TRP B 18 2.36 19.26 -3.65
N LYS B 19 1.85 19.12 -2.42
CA LYS B 19 2.75 19.19 -1.27
C LYS B 19 3.81 18.10 -1.34
N THR B 20 3.43 16.88 -1.70
CA THR B 20 4.39 15.78 -1.79
C THR B 20 5.45 16.07 -2.85
N ILE B 21 5.05 16.63 -3.99
CA ILE B 21 5.97 17.01 -5.05
C ILE B 21 6.97 18.05 -4.54
N LEU B 22 6.50 19.04 -3.76
CA LEU B 22 7.45 20.00 -3.18
C LEU B 22 8.45 19.30 -2.27
N ASN B 23 8.00 18.32 -1.50
CA ASN B 23 8.90 17.59 -0.61
C ASN B 23 9.89 16.74 -1.41
N LEU B 24 9.42 16.12 -2.49
CA LEU B 24 10.30 15.35 -3.36
C LEU B 24 11.36 16.24 -3.98
N ALA B 25 10.98 17.43 -4.44
CA ALA B 25 11.96 18.34 -5.05
C ALA B 25 12.99 18.77 -4.04
N SER B 26 12.54 19.06 -2.82
CA SER B 26 13.48 19.45 -1.76
C SER B 26 14.43 18.31 -1.39
N ALA B 27 13.93 17.07 -1.27
CA ALA B 27 14.77 15.93 -0.93
C ALA B 27 15.80 15.69 -2.02
N THR B 28 15.40 15.85 -3.28
CA THR B 28 16.36 15.60 -4.35
C THR B 28 17.37 16.72 -4.52
N ASP B 29 16.98 17.98 -4.22
CA ASP B 29 17.97 19.06 -4.11
C ASP B 29 19.01 18.71 -3.06
N ALA B 30 18.57 18.24 -1.90
CA ALA B 30 19.49 17.91 -0.84
C ALA B 30 20.36 16.71 -1.21
N ALA B 31 19.78 15.72 -1.89
CA ALA B 31 20.57 14.59 -2.36
C ALA B 31 21.66 15.03 -3.34
N GLU B 32 21.31 15.89 -4.28
CA GLU B 32 22.30 16.40 -5.24
C GLU B 32 23.46 17.09 -4.52
N LYS B 33 23.16 17.90 -3.53
CA LYS B 33 24.21 18.61 -2.80
C LYS B 33 25.08 17.63 -2.03
N ALA B 34 24.48 16.63 -1.38
CA ALA B 34 25.26 15.64 -0.64
C ALA B 34 26.16 14.84 -1.56
N TYR B 35 25.66 14.50 -2.75
CA TYR B 35 26.49 13.81 -3.75
C TYR B 35 27.70 14.66 -4.15
N LYS B 36 27.46 15.93 -4.47
CA LYS B 36 28.56 16.80 -4.89
C LYS B 36 29.57 17.02 -3.77
N GLU B 37 29.13 17.02 -2.51
CA GLU B 37 30.03 17.18 -1.38
C GLU B 37 30.68 15.88 -0.93
N GLY B 38 30.31 14.75 -1.51
CA GLY B 38 30.89 13.47 -1.12
C GLY B 38 30.45 12.93 0.21
N ARG B 39 29.24 13.32 0.67
CA ARG B 39 28.75 12.89 1.98
C ARG B 39 27.83 11.69 1.79
N GLU B 40 28.39 10.48 1.82
CA GLU B 40 27.63 9.30 1.38
C GLU B 40 26.47 8.96 2.32
N GLU B 41 26.64 9.12 3.63
CA GLU B 41 25.57 8.74 4.54
C GLU B 41 24.42 9.74 4.46
N ASP B 42 24.76 11.01 4.28
CA ASP B 42 23.74 12.04 4.06
C ASP B 42 23.00 11.73 2.77
N LEU B 43 23.73 11.41 1.70
CA LEU B 43 23.10 11.07 0.43
C LEU B 43 22.11 9.94 0.61
N ALA B 44 22.50 8.89 1.33
CA ALA B 44 21.60 7.74 1.50
C ALA B 44 20.32 8.16 2.19
N THR B 45 20.41 9.04 3.18
CA THR B 45 19.22 9.50 3.89
C THR B 45 18.32 10.29 2.97
N TYR B 46 18.87 11.21 2.20
CA TYR B 46 18.02 11.99 1.32
C TYR B 46 17.43 11.16 0.19
N LEU B 47 18.19 10.21 -0.35
CA LEU B 47 17.64 9.30 -1.36
C LEU B 47 16.49 8.48 -0.78
N ASP B 48 16.61 8.01 0.45
CA ASP B 48 15.51 7.27 1.05
C ASP B 48 14.28 8.16 1.21
N GLN B 49 14.46 9.41 1.61
CA GLN B 49 13.34 10.33 1.69
C GLN B 49 12.72 10.54 0.31
N ALA B 50 13.54 10.80 -0.68
CA ALA B 50 13.04 10.98 -2.03
C ALA B 50 12.24 9.77 -2.49
N ALA B 51 12.74 8.58 -2.25
CA ALA B 51 12.03 7.38 -2.67
C ALA B 51 10.67 7.29 -2.00
N SER B 52 10.59 7.65 -0.72
CA SER B 52 9.30 7.60 -0.03
C SER B 52 8.32 8.60 -0.63
N TYR B 53 8.77 9.83 -0.89
CA TYR B 53 7.88 10.80 -1.51
C TYR B 53 7.48 10.38 -2.92
N GLN B 54 8.40 9.83 -3.69
CA GLN B 54 8.08 9.35 -5.03
C GLN B 54 7.00 8.27 -4.96
N SER B 55 7.10 7.35 -4.01
CA SER B 55 6.06 6.32 -3.90
C SER B 55 4.72 6.93 -3.60
N GLN B 56 4.68 7.98 -2.78
CA GLN B 56 3.42 8.65 -2.48
C GLN B 56 2.87 9.37 -3.71
N VAL B 57 3.73 10.04 -4.49
CA VAL B 57 3.25 10.66 -5.73
C VAL B 57 2.68 9.59 -6.67
N ASP B 58 3.33 8.42 -6.74
CA ASP B 58 2.85 7.31 -7.57
C ASP B 58 1.42 6.96 -7.18
N GLN B 59 1.17 6.87 -5.88
CA GLN B 59 -0.17 6.52 -5.40
C GLN B 59 -1.18 7.59 -5.75
N TYR B 60 -0.83 8.85 -5.57
CA TYR B 60 -1.77 9.92 -5.90
C TYR B 60 -2.03 9.97 -7.41
N ALA B 61 -1.03 9.66 -8.23
CA ALA B 61 -1.24 9.72 -9.68
C ALA B 61 -2.19 8.59 -10.13
N VAL B 62 -2.09 7.41 -9.50
CA VAL B 62 -3.03 6.34 -9.77
C VAL B 62 -4.44 6.74 -9.34
N GLU B 63 -4.56 7.30 -8.14
CA GLU B 63 -5.86 7.77 -7.63
C GLU B 63 -6.48 8.79 -8.57
N THR B 64 -5.65 9.70 -9.08
CA THR B 64 -6.12 10.73 -10.00
C THR B 64 -6.71 10.11 -11.27
N VAL B 65 -6.01 9.15 -11.88
CA VAL B 65 -6.55 8.44 -13.04
C VAL B 65 -7.87 7.76 -12.69
N ARG B 66 -7.92 7.03 -11.58
CA ARG B 66 -9.15 6.33 -11.25
C ARG B 66 -10.32 7.29 -11.07
N LEU B 67 -10.09 8.43 -10.42
CA LEU B 67 -11.16 9.40 -10.21
C LEU B 67 -11.62 10.02 -11.52
N LEU B 68 -10.70 10.35 -12.42
CA LEU B 68 -11.10 10.92 -13.70
C LEU B 68 -11.75 9.89 -14.60
N ALA B 69 -11.35 8.62 -14.51
CA ALA B 69 -12.09 7.56 -15.22
C ALA B 69 -13.51 7.49 -14.71
N GLU B 70 -13.71 7.60 -13.40
CA GLU B 70 -15.07 7.60 -12.87
C GLU B 70 -15.84 8.82 -13.34
N LEU B 71 -15.18 9.99 -13.40
CA LEU B 71 -15.84 11.21 -13.85
C LEU B 71 -16.36 11.06 -15.26
N LYS B 72 -15.54 10.47 -16.12
CA LYS B 72 -15.93 10.32 -17.52
C LYS B 72 -17.10 9.37 -17.69
N LYS B 73 -17.24 8.42 -16.78
CA LYS B 73 -18.41 7.54 -16.83
C LYS B 73 -19.68 8.31 -16.47
N VAL B 74 -19.58 9.27 -15.54
CA VAL B 74 -20.75 9.99 -15.04
C VAL B 74 -20.96 11.34 -15.73
N PHE B 75 -20.02 11.78 -16.56
CA PHE B 75 -20.05 13.12 -17.15
C PHE B 75 -19.26 13.06 -18.45
N PRO B 76 -19.74 12.27 -19.41
CA PRO B 76 -18.99 12.11 -20.67
C PRO B 76 -19.00 13.39 -21.48
N ASP B 77 -17.81 13.94 -21.70
CA ASP B 77 -17.60 15.12 -22.53
C ASP B 77 -16.09 15.31 -22.68
N GLU B 78 -15.70 15.86 -23.82
CA GLU B 78 -14.29 15.86 -24.20
C GLU B 78 -13.39 16.58 -23.19
N GLU B 79 -13.96 17.38 -22.29
CA GLU B 79 -13.14 18.06 -21.29
C GLU B 79 -12.71 17.10 -20.19
N ALA B 80 -13.62 16.19 -19.80
CA ALA B 80 -13.25 15.13 -18.88
C ALA B 80 -12.36 14.11 -19.57
N ASP B 81 -12.70 13.74 -20.81
CA ASP B 81 -11.82 12.89 -21.59
C ASP B 81 -10.44 13.50 -21.72
N ARG B 82 -10.37 14.83 -21.89
CA ARG B 82 -9.07 15.49 -22.00
C ARG B 82 -8.32 15.43 -20.68
N ALA B 83 -9.00 15.72 -19.57
CA ALA B 83 -8.34 15.61 -18.27
C ALA B 83 -7.83 14.20 -18.05
N LEU B 84 -8.65 13.19 -18.38
CA LEU B 84 -8.23 11.80 -18.18
C LEU B 84 -7.02 11.46 -19.03
N GLN B 85 -6.98 11.93 -20.27
CA GLN B 85 -5.82 11.70 -21.12
C GLN B 85 -4.55 12.31 -20.52
N ILE B 86 -4.63 13.56 -20.06
CA ILE B 86 -3.48 14.21 -19.41
C ILE B 86 -3.06 13.40 -18.18
N ALA B 87 -4.03 13.00 -17.35
CA ALA B 87 -3.73 12.23 -16.14
C ALA B 87 -3.07 10.91 -16.47
N GLU B 88 -3.50 10.25 -17.55
CA GLU B 88 -2.87 8.97 -17.91
C GLU B 88 -1.43 9.19 -18.38
N LYS B 89 -1.16 10.27 -19.10
CA LYS B 89 0.22 10.60 -19.49
C LYS B 89 1.05 10.99 -18.28
N LEU B 90 0.46 11.76 -17.36
CA LEU B 90 1.17 12.05 -16.12
C LEU B 90 1.55 10.76 -15.38
N LEU B 91 0.59 9.83 -15.26
CA LEU B 91 0.89 8.61 -14.52
C LEU B 91 2.02 7.83 -15.18
N LYS B 92 1.99 7.75 -16.51
CA LYS B 92 3.08 7.09 -17.23
C LYS B 92 4.43 7.75 -16.94
N THR B 93 4.46 9.08 -16.91
CA THR B 93 5.72 9.78 -16.68
C THR B 93 6.17 9.58 -15.23
N VAL B 94 5.23 9.66 -14.29
CA VAL B 94 5.54 9.47 -12.88
C VAL B 94 6.14 8.09 -12.67
N GLN B 95 5.56 7.08 -13.31
CA GLN B 95 6.10 5.73 -13.12
C GLN B 95 7.47 5.57 -13.76
N GLU B 96 7.74 6.28 -14.86
CA GLU B 96 9.07 6.32 -15.44
C GLU B 96 10.06 7.00 -14.50
N ALA B 97 9.66 8.14 -13.94
CA ALA B 97 10.50 8.79 -12.93
C ALA B 97 10.79 7.85 -11.75
N SER B 98 9.77 7.12 -11.31
CA SER B 98 9.91 6.26 -10.13
C SER B 98 10.90 5.14 -10.38
N LYS B 99 10.77 4.46 -11.54
CA LYS B 99 11.69 3.39 -11.88
C LYS B 99 13.11 3.90 -12.01
N THR B 100 13.27 5.13 -12.53
CA THR B 100 14.59 5.70 -12.72
C THR B 100 15.22 6.11 -11.39
N LEU B 101 14.44 6.71 -10.50
CA LEU B 101 14.94 7.00 -9.16
C LEU B 101 15.33 5.72 -8.46
N ASP B 102 14.55 4.65 -8.64
CA ASP B 102 14.92 3.37 -8.01
C ASP B 102 16.29 2.90 -8.48
N THR B 103 16.56 3.00 -9.78
CA THR B 103 17.86 2.65 -10.30
C THR B 103 18.96 3.48 -9.66
N ALA B 104 18.71 4.78 -9.49
CA ALA B 104 19.71 5.64 -8.86
C ALA B 104 19.97 5.22 -7.41
N VAL B 105 18.90 4.93 -6.67
CA VAL B 105 19.06 4.53 -5.27
C VAL B 105 19.84 3.22 -5.16
N ALA B 106 19.54 2.25 -6.03
CA ALA B 106 20.29 1.00 -6.02
C ALA B 106 21.75 1.20 -6.40
N ALA B 107 22.01 2.03 -7.41
CA ALA B 107 23.39 2.27 -7.81
C ALA B 107 24.19 2.91 -6.67
N ALA B 108 23.60 3.89 -5.99
CA ALA B 108 24.26 4.48 -4.84
C ALA B 108 24.56 3.45 -3.77
N ALA B 109 23.62 2.53 -3.54
CA ALA B 109 23.84 1.51 -2.53
C ALA B 109 24.93 0.53 -2.93
N ASN B 110 25.02 0.20 -4.23
CA ASN B 110 26.00 -0.70 -4.84
C ASN B 110 27.37 -0.04 -4.97
N GLY B 111 27.48 1.26 -4.73
CA GLY B 111 28.75 1.96 -4.94
C GLY B 111 29.11 2.15 -6.40
N ASP B 112 28.12 2.46 -7.24
CA ASP B 112 28.27 2.56 -8.69
C ASP B 112 27.87 3.97 -9.10
N GLU B 113 28.84 4.88 -9.02
CA GLU B 113 28.55 6.30 -9.21
C GLU B 113 28.17 6.62 -10.64
N GLU B 114 28.75 5.91 -11.61
CA GLU B 114 28.43 6.21 -12.99
C GLU B 114 26.96 5.93 -13.29
N THR B 115 26.44 4.79 -12.82
CA THR B 115 25.02 4.53 -13.03
C THR B 115 24.15 5.47 -12.19
N PHE B 116 24.58 5.75 -10.96
CA PHE B 116 23.85 6.71 -10.13
C PHE B 116 23.66 8.04 -10.85
N ALA B 117 24.76 8.64 -11.33
CA ALA B 117 24.67 9.98 -11.91
C ALA B 117 23.82 9.98 -13.18
N LYS B 118 23.97 8.95 -14.01
CA LYS B 118 23.16 8.87 -15.21
C LYS B 118 21.68 8.75 -14.87
N ALA B 119 21.36 7.85 -13.92
CA ALA B 119 19.96 7.66 -13.55
C ALA B 119 19.41 8.89 -12.87
N PHE B 120 20.19 9.53 -12.00
CA PHE B 120 19.71 10.74 -11.35
C PHE B 120 19.39 11.85 -12.36
N ASN B 121 20.25 12.03 -13.36
CA ASN B 121 19.98 13.07 -14.35
C ASN B 121 18.74 12.74 -15.18
N GLN B 122 18.55 11.46 -15.50
CA GLN B 122 17.33 11.05 -16.18
C GLN B 122 16.09 11.33 -15.33
N PHE B 123 16.19 11.06 -14.02
CA PHE B 123 15.07 11.31 -13.12
C PHE B 123 14.69 12.78 -13.12
N VAL B 124 15.68 13.66 -13.06
CA VAL B 124 15.40 15.10 -13.05
C VAL B 124 14.64 15.51 -14.31
N SER B 125 15.05 15.00 -15.47
CA SER B 125 14.35 15.29 -16.71
C SER B 125 12.90 14.81 -16.67
N LEU B 126 12.70 13.57 -16.18
CA LEU B 126 11.36 13.03 -16.09
C LEU B 126 10.51 13.79 -15.08
N GLY B 127 11.11 14.20 -13.96
CA GLY B 127 10.34 14.99 -13.00
C GLY B 127 9.88 16.31 -13.56
N ASN B 128 10.75 16.97 -14.31
CA ASN B 128 10.34 18.21 -14.95
C ASN B 128 9.23 17.99 -15.99
N GLN B 129 9.30 16.90 -16.76
CA GLN B 129 8.22 16.54 -17.69
C GLN B 129 6.92 16.27 -16.93
N ALA B 130 7.02 15.57 -15.80
CA ALA B 130 5.81 15.33 -15.02
C ALA B 130 5.23 16.62 -14.49
N ASP B 131 6.08 17.56 -14.07
CA ASP B 131 5.57 18.83 -13.56
C ASP B 131 4.77 19.56 -14.63
N THR B 132 5.22 19.51 -15.88
CA THR B 132 4.49 20.12 -17.00
C THR B 132 3.09 19.53 -17.14
N LEU B 133 3.00 18.20 -17.08
CA LEU B 133 1.71 17.53 -17.17
C LEU B 133 0.82 17.84 -15.96
N PHE B 134 1.43 17.87 -14.76
CA PHE B 134 0.69 18.17 -13.53
C PHE B 134 0.06 19.56 -13.63
N THR B 135 0.84 20.55 -14.06
CA THR B 135 0.33 21.90 -14.20
C THR B 135 -0.77 21.96 -15.25
N GLN B 136 -0.60 21.25 -16.37
CA GLN B 136 -1.65 21.18 -17.39
C GLN B 136 -2.92 20.55 -16.84
N LEU B 137 -2.78 19.47 -16.08
CA LEU B 137 -3.95 18.87 -15.45
C LEU B 137 -4.64 19.86 -14.53
N GLN B 138 -3.87 20.57 -13.68
CA GLN B 138 -4.44 21.57 -12.77
C GLN B 138 -5.26 22.61 -13.55
N ARG B 139 -4.71 23.12 -14.65
CA ARG B 139 -5.44 24.08 -15.49
C ARG B 139 -6.74 23.49 -15.99
N THR B 140 -6.68 22.26 -16.50
CA THR B 140 -7.87 21.61 -17.05
C THR B 140 -8.93 21.42 -15.99
N LEU B 141 -8.54 21.04 -14.77
CA LEU B 141 -9.56 20.84 -13.73
C LEU B 141 -10.18 22.15 -13.26
N THR B 142 -9.84 23.28 -13.88
CA THR B 142 -10.54 24.53 -13.62
C THR B 142 -11.71 24.75 -14.56
N ASN B 143 -11.54 24.45 -15.86
CA ASN B 143 -12.71 24.27 -16.71
C ASN B 143 -13.76 23.45 -15.95
N LEU B 144 -13.38 22.22 -15.59
CA LEU B 144 -14.37 21.28 -15.05
C LEU B 144 -14.94 21.75 -13.72
N ASN B 145 -14.18 22.48 -12.91
CA ASN B 145 -14.70 23.03 -11.68
C ASN B 145 -15.37 24.39 -11.84
N LYS B 146 -15.21 25.06 -12.99
CA LYS B 146 -15.77 26.38 -13.24
C LYS B 146 -15.22 27.41 -12.26
N LYS B 147 -14.04 27.93 -12.58
CA LYS B 147 -13.29 28.84 -11.70
C LYS B 147 -14.16 29.77 -10.87
N SER C 1 -21.47 21.48 15.29
CA SER C 1 -22.50 20.46 14.91
C SER C 1 -23.49 21.01 13.88
N ASP C 2 -23.41 20.47 12.68
CA ASP C 2 -24.45 20.67 11.67
C ASP C 2 -24.57 19.39 10.86
N ALA C 3 -25.78 19.14 10.36
CA ALA C 3 -26.10 17.85 9.76
C ALA C 3 -25.11 17.46 8.66
N GLN C 4 -24.73 18.43 7.82
CA GLN C 4 -23.92 18.11 6.65
C GLN C 4 -22.48 17.75 7.04
N GLU C 5 -21.89 18.49 7.98
CA GLU C 5 -20.55 18.13 8.43
C GLU C 5 -20.53 16.74 9.05
N ILE C 6 -21.61 16.37 9.76
CA ILE C 6 -21.63 15.06 10.40
C ILE C 6 -21.76 13.95 9.36
N LEU C 7 -22.69 14.12 8.41
CA LEU C 7 -22.81 13.17 7.31
C LEU C 7 -21.52 13.05 6.53
N SER C 8 -20.84 14.18 6.28
CA SER C 8 -19.54 14.12 5.60
C SER C 8 -18.59 13.22 6.38
N ARG C 9 -18.46 13.47 7.69
CA ARG C 9 -17.55 12.66 8.51
C ARG C 9 -17.97 11.19 8.48
N LEU C 10 -19.27 10.91 8.57
CA LEU C 10 -19.72 9.53 8.55
C LEU C 10 -19.34 8.85 7.23
N ASN C 11 -19.54 9.53 6.11
CA ASN C 11 -19.12 8.96 4.82
C ASN C 11 -17.65 8.60 4.83
N SER C 12 -16.79 9.49 5.34
CA SER C 12 -15.36 9.20 5.37
C SER C 12 -15.07 8.01 6.28
N VAL C 13 -15.75 7.94 7.42
CA VAL C 13 -15.49 6.84 8.35
C VAL C 13 -15.87 5.51 7.72
N LEU C 14 -17.03 5.46 7.07
CA LEU C 14 -17.48 4.21 6.44
C LEU C 14 -16.58 3.84 5.26
N GLU C 15 -16.07 4.81 4.49
CA GLU C 15 -15.14 4.44 3.42
C GLU C 15 -13.84 3.84 4.00
N ALA C 16 -13.30 4.46 5.05
CA ALA C 16 -12.10 3.91 5.68
C ALA C 16 -12.36 2.54 6.26
N ALA C 17 -13.53 2.36 6.87
CA ALA C 17 -13.90 1.07 7.44
C ALA C 17 -13.98 0.01 6.37
N TRP C 18 -14.53 0.34 5.21
CA TRP C 18 -14.66 -0.67 4.15
C TRP C 18 -13.29 -1.15 3.68
N LYS C 19 -12.33 -0.23 3.53
CA LYS C 19 -10.98 -0.63 3.16
C LYS C 19 -10.38 -1.53 4.24
N THR C 20 -10.59 -1.20 5.51
CA THR C 20 -10.06 -2.02 6.59
C THR C 20 -10.71 -3.40 6.60
N ILE C 21 -12.01 -3.47 6.32
CA ILE C 21 -12.69 -4.76 6.21
C ILE C 21 -12.06 -5.60 5.10
N LEU C 22 -11.80 -4.98 3.93
CA LEU C 22 -11.13 -5.70 2.85
C LEU C 22 -9.79 -6.27 3.32
N ASN C 23 -9.02 -5.48 4.07
CA ASN C 23 -7.74 -5.94 4.60
C ASN C 23 -7.93 -7.09 5.60
N LEU C 24 -8.95 -7.00 6.44
CA LEU C 24 -9.25 -8.07 7.39
C LEU C 24 -9.62 -9.36 6.67
N ALA C 25 -10.44 -9.26 5.62
CA ALA C 25 -10.79 -10.45 4.84
C ALA C 25 -9.56 -11.06 4.19
N SER C 26 -8.65 -10.24 3.67
CA SER C 26 -7.42 -10.75 3.07
C SER C 26 -6.52 -11.43 4.12
N ALA C 27 -6.36 -10.83 5.29
CA ALA C 27 -5.51 -11.42 6.31
C ALA C 27 -6.08 -12.74 6.79
N THR C 28 -7.41 -12.81 6.91
CA THR C 28 -8.01 -14.07 7.35
C THR C 28 -8.00 -15.14 6.26
N ASP C 29 -8.08 -14.77 4.96
CA ASP C 29 -7.86 -15.71 3.87
C ASP C 29 -6.45 -16.28 3.98
N ALA C 30 -5.47 -15.42 4.23
CA ALA C 30 -4.10 -15.86 4.32
C ALA C 30 -3.90 -16.77 5.53
N ALA C 31 -4.54 -16.45 6.66
CA ALA C 31 -4.46 -17.30 7.84
C ALA C 31 -5.05 -18.68 7.55
N GLU C 32 -6.22 -18.72 6.89
CA GLU C 32 -6.83 -20.00 6.53
C GLU C 32 -5.90 -20.84 5.66
N LYS C 33 -5.25 -20.20 4.68
CA LYS C 33 -4.35 -20.93 3.80
C LYS C 33 -3.16 -21.48 4.57
N ALA C 34 -2.58 -20.68 5.46
CA ALA C 34 -1.45 -21.14 6.25
C ALA C 34 -1.83 -22.29 7.17
N TYR C 35 -3.02 -22.20 7.75
CA TYR C 35 -3.55 -23.28 8.61
C TYR C 35 -3.69 -24.56 7.81
N LYS C 36 -4.30 -24.48 6.64
CA LYS C 36 -4.48 -25.66 5.79
C LYS C 36 -3.15 -26.26 5.37
N GLU C 37 -2.13 -25.42 5.14
CA GLU C 37 -0.83 -25.89 4.66
C GLU C 37 0.13 -26.27 5.79
N GLY C 38 -0.23 -26.06 7.05
CA GLY C 38 0.63 -26.41 8.16
C GLY C 38 1.82 -25.50 8.37
N ARG C 39 1.69 -24.24 7.96
CA ARG C 39 2.76 -23.25 8.10
C ARG C 39 2.46 -22.41 9.35
N GLU C 40 2.91 -22.88 10.50
CA GLU C 40 2.45 -22.34 11.79
C GLU C 40 2.96 -20.94 12.07
N GLU C 41 4.19 -20.62 11.65
CA GLU C 41 4.71 -19.28 11.88
C GLU C 41 3.99 -18.28 10.98
N ASP C 42 3.75 -18.64 9.72
CA ASP C 42 2.95 -17.79 8.83
C ASP C 42 1.57 -17.57 9.43
N LEU C 43 0.94 -18.65 9.92
CA LEU C 43 -0.39 -18.52 10.52
C LEU C 43 -0.37 -17.50 11.66
N ALA C 44 0.61 -17.60 12.55
CA ALA C 44 0.70 -16.68 13.68
C ALA C 44 0.80 -15.23 13.22
N THR C 45 1.62 -14.95 12.21
CA THR C 45 1.77 -13.60 11.67
C THR C 45 0.44 -13.12 11.10
N TYR C 46 -0.23 -13.96 10.31
CA TYR C 46 -1.47 -13.51 9.69
C TYR C 46 -2.58 -13.33 10.70
N LEU C 47 -2.61 -14.13 11.77
CA LEU C 47 -3.59 -13.89 12.83
C LEU C 47 -3.32 -12.58 13.53
N ASP C 48 -2.04 -12.23 13.77
CA ASP C 48 -1.71 -10.94 14.37
C ASP C 48 -2.14 -9.79 13.46
N GLN C 49 -1.95 -9.93 12.14
CA GLN C 49 -2.40 -8.92 11.19
C GLN C 49 -3.92 -8.79 11.19
N ALA C 50 -4.62 -9.92 11.18
CA ALA C 50 -6.08 -9.88 11.22
C ALA C 50 -6.56 -9.17 12.48
N ALA C 51 -5.95 -9.47 13.62
CA ALA C 51 -6.35 -8.84 14.88
C ALA C 51 -6.14 -7.33 14.82
N SER C 52 -5.09 -6.88 14.15
CA SER C 52 -4.84 -5.45 14.02
C SER C 52 -5.95 -4.78 13.23
N TYR C 53 -6.35 -5.38 12.10
CA TYR C 53 -7.45 -4.81 11.33
C TYR C 53 -8.77 -4.90 12.08
N GLN C 54 -8.99 -6.01 12.80
CA GLN C 54 -10.21 -6.14 13.60
C GLN C 54 -10.30 -5.03 14.64
N SER C 55 -9.18 -4.71 15.28
CA SER C 55 -9.22 -3.63 16.28
C SER C 55 -9.51 -2.27 15.63
N GLN C 56 -9.05 -2.07 14.38
CA GLN C 56 -9.35 -0.85 13.66
C GLN C 56 -10.82 -0.81 13.28
N VAL C 57 -11.37 -1.92 12.81
CA VAL C 57 -12.82 -1.95 12.51
C VAL C 57 -13.62 -1.61 13.76
N ASP C 58 -13.20 -2.15 14.90
CA ASP C 58 -13.91 -1.90 16.15
C ASP C 58 -13.97 -0.41 16.42
N GLN C 59 -12.85 0.29 16.21
CA GLN C 59 -12.80 1.73 16.48
C GLN C 59 -13.65 2.49 15.50
N TYR C 60 -13.68 2.08 14.23
CA TYR C 60 -14.57 2.76 13.28
C TYR C 60 -16.03 2.54 13.66
N ALA C 61 -16.37 1.38 14.20
CA ALA C 61 -17.74 1.14 14.65
C ALA C 61 -18.10 2.05 15.82
N VAL C 62 -17.17 2.22 16.77
CA VAL C 62 -17.40 3.14 17.88
C VAL C 62 -17.64 4.55 17.36
N GLU C 63 -16.80 5.01 16.45
CA GLU C 63 -16.93 6.36 15.91
C GLU C 63 -18.25 6.54 15.19
N THR C 64 -18.71 5.52 14.48
CA THR C 64 -19.97 5.58 13.73
C THR C 64 -21.13 5.75 14.70
N VAL C 65 -21.16 4.98 15.79
CA VAL C 65 -22.19 5.13 16.81
C VAL C 65 -22.18 6.53 17.39
N ARG C 66 -21.00 7.06 17.74
CA ARG C 66 -20.92 8.40 18.31
C ARG C 66 -21.47 9.45 17.33
N LEU C 67 -21.07 9.36 16.07
CA LEU C 67 -21.50 10.35 15.07
C LEU C 67 -23.00 10.28 14.79
N LEU C 68 -23.57 9.08 14.71
CA LEU C 68 -25.01 8.97 14.47
C LEU C 68 -25.80 9.51 15.66
N ALA C 69 -25.30 9.36 16.88
CA ALA C 69 -25.98 9.95 18.02
C ALA C 69 -25.99 11.46 17.91
N GLU C 70 -24.89 12.04 17.45
CA GLU C 70 -24.82 13.49 17.24
C GLU C 70 -25.80 13.90 16.16
N LEU C 71 -25.86 13.14 15.06
CA LEU C 71 -26.77 13.44 13.98
C LEU C 71 -28.22 13.46 14.45
N LYS C 72 -28.61 12.51 15.31
CA LYS C 72 -29.99 12.48 15.80
C LYS C 72 -30.38 13.74 16.55
N LYS C 73 -29.43 14.42 17.17
CA LYS C 73 -29.75 15.59 17.97
C LYS C 73 -29.98 16.82 17.11
N VAL C 74 -29.17 17.00 16.07
CA VAL C 74 -29.26 18.17 15.20
C VAL C 74 -30.04 17.90 13.93
N PHE C 75 -30.51 16.68 13.72
CA PHE C 75 -31.17 16.26 12.49
C PHE C 75 -32.13 15.13 12.83
N PRO C 76 -33.13 15.37 13.68
CA PRO C 76 -34.05 14.27 14.06
C PRO C 76 -34.90 13.82 12.88
N ASP C 77 -34.76 12.56 12.51
CA ASP C 77 -35.71 11.89 11.62
C ASP C 77 -35.43 10.40 11.64
N GLU C 78 -36.49 9.62 11.44
CA GLU C 78 -36.47 8.20 11.79
C GLU C 78 -35.39 7.42 11.05
N GLU C 79 -34.83 7.96 9.98
CA GLU C 79 -33.79 7.26 9.25
C GLU C 79 -32.49 7.25 10.04
N ALA C 80 -32.13 8.39 10.62
CA ALA C 80 -30.94 8.44 11.47
C ALA C 80 -31.12 7.56 12.70
N ASP C 81 -32.34 7.49 13.24
CA ASP C 81 -32.61 6.59 14.36
C ASP C 81 -32.41 5.13 13.95
N ARG C 82 -32.84 4.79 12.73
CA ARG C 82 -32.61 3.43 12.24
C ARG C 82 -31.12 3.17 12.04
N ALA C 83 -30.40 4.15 11.50
CA ALA C 83 -28.95 4.00 11.32
C ALA C 83 -28.25 3.74 12.64
N LEU C 84 -28.61 4.47 13.70
CA LEU C 84 -27.97 4.26 14.98
C LEU C 84 -28.23 2.85 15.50
N GLN C 85 -29.46 2.35 15.31
CA GLN C 85 -29.79 1.01 15.78
C GLN C 85 -28.95 -0.04 15.06
N ILE C 86 -28.80 0.09 13.74
CA ILE C 86 -27.95 -0.82 12.95
C ILE C 86 -26.50 -0.72 13.43
N ALA C 87 -26.03 0.50 13.63
CA ALA C 87 -24.63 0.72 14.03
C ALA C 87 -24.34 0.09 15.38
N GLU C 88 -25.29 0.15 16.32
CA GLU C 88 -25.09 -0.46 17.63
C GLU C 88 -25.08 -1.99 17.52
N LYS C 89 -25.91 -2.56 16.63
CA LYS C 89 -25.86 -3.99 16.40
C LYS C 89 -24.53 -4.40 15.76
N LEU C 90 -24.07 -3.60 14.81
CA LEU C 90 -22.76 -3.83 14.22
C LEU C 90 -21.65 -3.79 15.28
N LEU C 91 -21.67 -2.78 16.15
CA LEU C 91 -20.66 -2.71 17.21
C LEU C 91 -20.67 -3.94 18.11
N LYS C 92 -21.86 -4.41 18.52
CA LYS C 92 -21.95 -5.63 19.29
C LYS C 92 -21.32 -6.81 18.53
N THR C 93 -21.62 -6.89 17.24
CA THR C 93 -21.17 -8.03 16.45
C THR C 93 -19.66 -8.00 16.26
N VAL C 94 -19.10 -6.83 15.96
CA VAL C 94 -17.66 -6.78 15.73
C VAL C 94 -16.91 -7.05 17.03
N GLN C 95 -17.48 -6.67 18.18
CA GLN C 95 -16.84 -7.03 19.46
C GLN C 95 -16.84 -8.53 19.65
N GLU C 96 -17.95 -9.19 19.28
CA GLU C 96 -18.01 -10.66 19.37
C GLU C 96 -16.99 -11.29 18.43
N ALA C 97 -16.81 -10.70 17.24
CA ALA C 97 -15.80 -11.22 16.32
C ALA C 97 -14.40 -11.05 16.91
N SER C 98 -14.15 -9.91 17.57
CA SER C 98 -12.86 -9.66 18.18
C SER C 98 -12.55 -10.70 19.25
N LYS C 99 -13.53 -10.99 20.10
CA LYS C 99 -13.35 -12.02 21.13
C LYS C 99 -13.01 -13.37 20.52
N THR C 100 -13.73 -13.76 19.46
CA THR C 100 -13.49 -15.05 18.83
C THR C 100 -12.12 -15.07 18.17
N LEU C 101 -11.70 -13.96 17.58
CA LEU C 101 -10.35 -13.91 17.02
C LEU C 101 -9.29 -14.02 18.11
N ASP C 102 -9.52 -13.38 19.25
CA ASP C 102 -8.63 -13.50 20.41
C ASP C 102 -8.51 -14.94 20.85
N THR C 103 -9.63 -15.66 20.89
CA THR C 103 -9.60 -17.08 21.22
C THR C 103 -8.76 -17.85 20.22
N ALA C 104 -8.90 -17.54 18.92
CA ALA C 104 -8.10 -18.22 17.90
C ALA C 104 -6.61 -17.95 18.09
N VAL C 105 -6.25 -16.70 18.37
CA VAL C 105 -4.86 -16.35 18.66
C VAL C 105 -4.32 -17.17 19.82
N ALA C 106 -5.07 -17.23 20.91
CA ALA C 106 -4.58 -17.97 22.08
C ALA C 106 -4.53 -19.47 21.81
N ALA C 107 -5.51 -19.98 21.06
CA ALA C 107 -5.49 -21.41 20.72
C ALA C 107 -4.29 -21.76 19.84
N ALA C 108 -3.99 -20.92 18.83
CA ALA C 108 -2.77 -21.14 18.04
C ALA C 108 -1.53 -21.06 18.91
N ALA C 109 -1.46 -20.09 19.83
CA ALA C 109 -0.33 -19.97 20.72
C ALA C 109 -0.14 -21.21 21.57
N ASN C 110 -1.24 -21.80 22.03
CA ASN C 110 -1.20 -23.01 22.84
C ASN C 110 -1.03 -24.27 22.01
N GLY C 111 -1.18 -24.18 20.70
CA GLY C 111 -1.20 -25.34 19.82
C GLY C 111 -2.35 -26.27 20.15
N ASP C 112 -3.55 -25.71 20.23
CA ASP C 112 -4.77 -26.41 20.58
C ASP C 112 -5.67 -26.35 19.35
N GLU C 113 -5.51 -27.33 18.46
CA GLU C 113 -6.18 -27.26 17.17
C GLU C 113 -7.70 -27.31 17.31
N GLU C 114 -8.19 -28.09 18.28
CA GLU C 114 -9.63 -28.25 18.42
C GLU C 114 -10.28 -26.91 18.78
N THR C 115 -9.70 -26.19 19.74
CA THR C 115 -10.25 -24.86 20.07
C THR C 115 -10.05 -23.89 18.93
N PHE C 116 -8.88 -23.94 18.28
CA PHE C 116 -8.63 -23.04 17.15
C PHE C 116 -9.69 -23.19 16.08
N ALA C 117 -9.95 -24.44 15.65
CA ALA C 117 -10.92 -24.68 14.59
C ALA C 117 -12.31 -24.13 14.95
N LYS C 118 -12.74 -24.35 16.18
CA LYS C 118 -14.04 -23.86 16.60
C LYS C 118 -14.09 -22.33 16.56
N ALA C 119 -13.04 -21.69 17.11
CA ALA C 119 -13.00 -20.23 17.15
C ALA C 119 -12.95 -19.64 15.75
N PHE C 120 -12.12 -20.21 14.87
CA PHE C 120 -12.02 -19.65 13.54
C PHE C 120 -13.34 -19.76 12.80
N ASN C 121 -14.02 -20.91 12.93
CA ASN C 121 -15.32 -21.08 12.28
C ASN C 121 -16.34 -20.08 12.80
N GLN C 122 -16.31 -19.82 14.11
CA GLN C 122 -17.23 -18.85 14.67
C GLN C 122 -16.90 -17.45 14.18
N PHE C 123 -15.61 -17.14 14.03
CA PHE C 123 -15.22 -15.84 13.52
C PHE C 123 -15.80 -15.62 12.13
N VAL C 124 -15.71 -16.64 11.27
CA VAL C 124 -16.22 -16.49 9.91
C VAL C 124 -17.72 -16.21 9.92
N SER C 125 -18.48 -16.91 10.75
CA SER C 125 -19.91 -16.67 10.86
C SER C 125 -20.21 -15.24 11.31
N LEU C 126 -19.50 -14.78 12.35
CA LEU C 126 -19.69 -13.41 12.84
C LEU C 126 -19.27 -12.39 11.79
N GLY C 127 -18.18 -12.64 11.07
CA GLY C 127 -17.77 -11.74 10.01
C GLY C 127 -18.84 -11.58 8.93
N ASN C 128 -19.48 -12.68 8.55
CA ASN C 128 -20.59 -12.59 7.59
C ASN C 128 -21.81 -11.84 8.16
N GLN C 129 -22.15 -12.06 9.44
CA GLN C 129 -23.20 -11.27 10.05
C GLN C 129 -22.86 -9.79 10.04
N ALA C 130 -21.62 -9.46 10.39
CA ALA C 130 -21.20 -8.06 10.38
C ALA C 130 -21.27 -7.47 8.99
N ASP C 131 -20.94 -8.27 7.98
CA ASP C 131 -21.02 -7.76 6.61
C ASP C 131 -22.46 -7.39 6.24
N THR C 132 -23.43 -8.20 6.65
CA THR C 132 -24.81 -7.85 6.36
C THR C 132 -25.21 -6.55 7.04
N LEU C 133 -24.84 -6.40 8.31
CA LEU C 133 -25.15 -5.17 9.04
C LEU C 133 -24.46 -3.96 8.40
N PHE C 134 -23.20 -4.13 7.99
CA PHE C 134 -22.47 -3.03 7.39
C PHE C 134 -23.12 -2.60 6.08
N THR C 135 -23.61 -3.56 5.30
CA THR C 135 -24.30 -3.24 4.06
C THR C 135 -25.60 -2.48 4.34
N GLN C 136 -26.37 -2.95 5.33
CA GLN C 136 -27.58 -2.22 5.70
C GLN C 136 -27.25 -0.79 6.13
N LEU C 137 -26.18 -0.63 6.91
CA LEU C 137 -25.80 0.71 7.34
C LEU C 137 -25.42 1.59 6.16
N GLN C 138 -24.68 1.03 5.19
CA GLN C 138 -24.35 1.81 4.01
C GLN C 138 -25.61 2.26 3.28
N ARG C 139 -26.59 1.37 3.16
CA ARG C 139 -27.83 1.73 2.47
C ARG C 139 -28.58 2.81 3.22
N THR C 140 -28.60 2.71 4.55
CA THR C 140 -29.27 3.72 5.36
C THR C 140 -28.56 5.06 5.28
N LEU C 141 -27.23 5.05 5.23
CA LEU C 141 -26.52 6.33 5.09
C LEU C 141 -26.73 6.93 3.72
N THR C 142 -26.82 6.09 2.69
CA THR C 142 -27.18 6.58 1.36
C THR C 142 -28.54 7.27 1.39
N ASN C 143 -29.54 6.62 2.01
CA ASN C 143 -30.84 7.26 2.20
C ASN C 143 -30.72 8.61 2.91
N LEU C 144 -29.90 8.68 3.96
CA LEU C 144 -29.78 9.92 4.72
C LEU C 144 -29.14 11.03 3.90
N ASN C 145 -28.16 10.69 3.06
CA ASN C 145 -27.44 11.71 2.31
C ASN C 145 -28.30 12.44 1.28
N LYS C 146 -29.51 11.95 0.99
CA LYS C 146 -30.47 12.66 0.16
C LYS C 146 -29.80 13.23 -1.09
N LYS C 147 -29.08 12.36 -1.79
CA LYS C 147 -28.25 12.75 -2.93
C LYS C 147 -27.21 13.79 -2.52
CAM 3JD D . 1.70 -13.89 -6.28
CAK 3JD D . 0.18 -13.77 -6.11
CAL 3JD D . -0.57 -14.95 -5.55
NAP 3JD D . 0.24 -15.74 -4.56
CAN 3JD D . 1.36 -14.95 -4.00
CAW 3JD D . 2.35 -14.71 -5.15
CAR 3JD D . 3.64 -14.12 -4.61
CAF 3JD D . 3.76 -12.79 -4.22
CAH 3JD D . 4.94 -12.29 -3.73
CAE 3JD D . 4.77 -14.93 -4.52
CAG 3JD D . 5.97 -14.44 -4.06
CAS 3JD D . 6.05 -13.12 -3.65
NAX 3JD D . 7.29 -12.59 -3.18
CAJ 3JD D . 8.21 -13.19 -2.41
NAO 3JD D . 7.63 -11.33 -3.56
CAV 3JD D . 8.84 -11.13 -2.98
CAU 3JD D . 9.23 -12.27 -2.24
CAI 3JD D . 10.47 -12.27 -1.56
CAC 3JD D . 11.26 -11.15 -1.62
CAD 3JD D . 10.86 -10.02 -2.34
CAT 3JD D . 9.65 -9.97 -3.04
CAQ 3JD D . 9.29 -8.74 -3.81
OAB 3JD D . 10.05 -7.75 -3.81
NAA 3JD D . 8.21 -8.77 -4.57
H1 3JD D . 1.90 -14.33 -7.13
H2 3JD D . 2.11 -13.00 -6.28
H3 3JD D . 0.02 -13.00 -5.53
H4 3JD D . -0.20 -13.57 -6.99
H5 3JD D . -1.37 -14.63 -5.10
H6 3JD D . -0.82 -15.54 -6.27
H7 3JD D . -0.31 -16.00 -3.87
H9 3JD D . 1.04 -14.09 -3.63
H10 3JD D . 1.80 -15.45 -3.27
H11 3JD D . 2.56 -15.58 -5.56
H12 3JD D . 3.02 -12.22 -4.29
H13 3JD D . 5.00 -11.39 -3.45
H14 3JD D . 4.71 -15.83 -4.77
H15 3JD D . 6.73 -14.99 -4.03
H16 3JD D . 8.14 -14.06 -2.07
H17 3JD D . 10.75 -13.03 -1.06
H18 3JD D . 12.09 -11.14 -1.17
H19 3JD D . 11.42 -9.26 -2.34
H20 3JD D . 8.01 -8.07 -5.09
H21 3JD D . 7.68 -9.48 -4.57
H8 3JD D . 0.56 -16.49 -4.97
CAM 3JD E . 15.71 17.53 -8.89
CAK 3JD E . 16.91 18.22 -8.23
CAL 3JD E . 17.12 19.61 -8.75
NAP 3JD E . 15.95 20.48 -8.47
CAN 3JD E . 14.68 19.72 -8.32
CAW 3JD E . 14.67 18.56 -9.33
CAR 3JD E . 13.26 18.06 -9.49
CAF 3JD E . 12.43 18.68 -10.41
CAH 3JD E . 11.11 18.28 -10.59
CAE 3JD E . 12.73 17.00 -8.76
CAG 3JD E . 11.43 16.59 -8.92
CAS 3JD E . 10.62 17.25 -9.83
NAX 3JD E . 9.27 16.79 -10.02
CAJ 3JD E . 8.19 17.50 -10.28
NAO 3JD E . 9.04 15.45 -9.93
CAV 3JD E . 7.70 15.34 -10.16
CAU 3JD E . 7.13 16.62 -10.38
CAI 3JD E . 5.76 16.78 -10.63
CAC 3JD E . 4.96 15.65 -10.69
CAD 3JD E . 5.51 14.39 -10.48
CAT 3JD E . 6.86 14.19 -10.21
CAQ 3JD E . 7.39 12.80 -9.99
OAB 3JD E . 6.59 11.84 -9.97
NAA 3JD E . 8.70 12.62 -9.87
H1 3JD E . 16.01 17.02 -9.68
H2 3JD E . 15.29 16.90 -8.26
H3 3JD E . 16.76 18.26 -7.25
H4 3JD E . 17.71 17.69 -8.38
H5 3JD E . 17.92 19.99 -8.33
H6 3JD E . 17.27 19.57 -9.71
H7 3JD E . 16.10 20.96 -7.70
H9 3JD E . 14.61 19.37 -7.41
H10 3JD E . 13.92 20.31 -8.49
H11 3JD E . 14.97 18.86 -10.23
H12 3JD E . 12.76 19.39 -10.93
H13 3JD E . 10.57 18.72 -11.22
H14 3JD E . 13.28 16.56 -8.14
H15 3JD E . 11.09 15.87 -8.41
H16 3JD E . 8.17 18.44 -10.37
H17 3JD E . 5.39 17.63 -10.77
H18 3JD E . 4.05 15.74 -10.87
H19 3JD E . 4.95 13.63 -10.52
H20 3JD E . 9.25 13.32 -9.89
H21 3JD E . 9.03 11.80 -9.77
H8 3JD E . 15.86 21.09 -9.15
CAM 3JD F . -13.20 -15.45 6.73
CAK 3JD F . -11.86 -16.01 6.26
CAL 3JD F . -11.86 -16.61 4.88
NAP 3JD F . -12.62 -15.76 3.91
CAN 3JD F . -12.94 -14.41 4.44
CAW 3JD F . -13.87 -14.60 5.64
CAR 3JD F . -14.40 -13.27 6.16
CAF 3JD F . -15.69 -12.88 5.82
CAH 3JD F . -16.22 -11.68 6.25
CAE 3JD F . -13.65 -12.43 6.96
CAG 3JD F . -14.17 -11.23 7.39
CAS 3JD F . -15.45 -10.85 7.04
NAX 3JD F . -15.98 -9.61 7.52
CAJ 3JD F . -16.78 -8.74 6.90
NAO 3JD F . -15.67 -9.27 8.80
CAV 3JD F . -16.31 -8.06 8.96
CAU 3JD F . -17.02 -7.71 7.80
CAI 3JD F . -17.74 -6.51 7.76
CAC 3JD F . -17.75 -5.70 8.89
CAD 3JD F . -17.05 -6.07 10.03
CAT 3JD F . -16.32 -7.25 10.11
CAQ 3JD F . -15.60 -7.57 11.39
OAB 3JD F . -15.61 -6.77 12.32
NAA 3JD F . -15.03 -8.76 11.51
H1 3JD F . -13.80 -16.20 6.97
H2 3JD F . -13.07 -14.90 7.54
H3 3JD F . -11.20 -15.29 6.28
H4 3JD F . -11.57 -16.70 6.89
H5 3JD F . -10.94 -16.70 4.56
H6 3JD F . -12.25 -17.49 4.90
H7 3JD F . -12.13 -15.68 3.14
H9 3JD F . -12.11 -13.95 4.72
H10 3JD F . -13.37 -13.87 3.75
H11 3JD F . -14.65 -15.12 5.32
H12 3JD F . -16.21 -13.45 5.28
H13 3JD F . -17.10 -11.44 6.01
H14 3JD F . -12.77 -12.68 7.21
H15 3JD F . -13.64 -10.66 7.93
H16 3JD F . -17.11 -8.83 6.03
H17 3JD F . -18.23 -6.25 6.98
H18 3JD F . -18.23 -4.89 8.88
H19 3JD F . -17.06 -5.49 10.78
H20 3JD F . -15.03 -9.33 10.83
H21 3JD F . -14.64 -8.99 12.28
H8 3JD F . -13.40 -16.20 3.70
#